data_4O64
#
_entry.id   4O64
#
_cell.length_a   107.322
_cell.length_b   107.322
_cell.length_c   34.130
_cell.angle_alpha   90.000
_cell.angle_beta   90.000
_cell.angle_gamma   120.000
#
_symmetry.space_group_name_H-M   'P 31'
#
loop_
_entity.id
_entity.type
_entity.pdbx_description
1 polymer 'Lysine-specific demethylase 2B'
2 non-polymer 'ZINC ION'
3 non-polymer 'UNKNOWN ATOM OR ION'
4 water water
#
_entity_poly.entity_id   1
_entity_poly.type   'polypeptide(L)'
_entity_poly.pdbx_seq_one_letter_code
;GRRRRTRCRKCEACLRTECGECHFCKDMKKFGGPGRMKQSCIMRQCIAPVLPHTAVCLVCGEAGKEDTVEEEEGKFNLML
MECSICNEIIHPGCLKIKESEGVVNDELPNCWECPKCN
;
_entity_poly.pdbx_strand_id   A,B,C
#
loop_
_chem_comp.id
_chem_comp.type
_chem_comp.name
_chem_comp.formula
UNX non-polymer 'UNKNOWN ATOM OR ION' ?
ZN non-polymer 'ZINC ION' 'Zn 2'
#
# COMPACT_ATOMS: atom_id res chain seq x y z
N ARG A 3 4.86 19.91 -25.69
N ARG A 3 2.93 19.87 -25.06
CA ARG A 3 3.84 18.84 -25.99
CA ARG A 3 3.83 18.95 -25.82
C ARG A 3 3.99 17.64 -25.04
N ARG A 4 2.87 16.99 -24.73
CA ARG A 4 2.91 15.86 -23.82
C ARG A 4 3.53 14.66 -24.52
N ARG A 5 4.31 13.90 -23.76
CA ARG A 5 5.05 12.76 -24.24
C ARG A 5 4.70 11.58 -23.37
N THR A 6 5.10 10.39 -23.83
CA THR A 6 4.82 9.17 -23.13
C THR A 6 6.15 8.52 -22.77
N ARG A 7 6.11 7.67 -21.75
CA ARG A 7 7.28 6.97 -21.30
C ARG A 7 7.79 5.99 -22.38
N CYS A 8 9.11 5.84 -22.45
CA CYS A 8 9.77 5.08 -23.52
C CYS A 8 9.59 3.57 -23.38
N ARG A 9 9.41 3.10 -22.14
CA ARG A 9 9.13 1.67 -21.81
C ARG A 9 10.36 0.76 -21.94
N LYS A 10 11.56 1.36 -22.00
CA LYS A 10 12.81 0.60 -22.21
C LYS A 10 13.94 1.00 -21.23
N CYS A 11 13.79 2.10 -20.49
CA CYS A 11 14.86 2.54 -19.60
C CYS A 11 14.70 1.86 -18.24
N GLU A 12 15.71 2.02 -17.38
CA GLU A 12 15.73 1.40 -16.06
C GLU A 12 14.50 1.78 -15.25
N ALA A 13 14.16 3.07 -15.26
CA ALA A 13 12.97 3.61 -14.55
C ALA A 13 11.63 3.01 -15.04
N CYS A 14 11.44 2.99 -16.36
CA CYS A 14 10.23 2.38 -17.00
C CYS A 14 10.09 0.87 -16.76
N LEU A 15 11.21 0.15 -16.76
CA LEU A 15 11.18 -1.31 -16.63
C LEU A 15 10.97 -1.79 -15.18
N ARG A 16 11.41 -0.99 -14.21
CA ARG A 16 11.33 -1.45 -12.85
C ARG A 16 9.91 -1.41 -12.33
N THR A 17 9.61 -2.30 -11.39
CA THR A 17 8.29 -2.39 -10.79
C THR A 17 8.07 -1.24 -9.82
N GLU A 18 6.82 -0.96 -9.55
CA GLU A 18 6.48 0.06 -8.60
C GLU A 18 6.98 -0.29 -7.22
N CYS A 19 7.60 0.68 -6.55
CA CYS A 19 8.29 0.44 -5.27
C CYS A 19 7.36 0.11 -4.12
N GLY A 20 6.09 0.49 -4.22
CA GLY A 20 5.13 0.26 -3.16
C GLY A 20 5.35 1.07 -1.89
N GLU A 21 6.31 2.00 -1.87
CA GLU A 21 6.66 2.70 -0.61
C GLU A 21 6.57 4.22 -0.64
N CYS A 22 6.73 4.81 -1.82
CA CYS A 22 6.65 6.24 -1.98
C CYS A 22 5.20 6.72 -1.78
N HIS A 23 5.04 8.04 -1.57
CA HIS A 23 3.72 8.59 -1.30
C HIS A 23 2.70 8.36 -2.48
N PHE A 24 3.19 8.13 -3.69
CA PHE A 24 2.33 7.87 -4.84
C PHE A 24 1.91 6.41 -4.94
N CYS A 25 2.87 5.51 -4.71
CA CYS A 25 2.53 4.08 -4.64
C CYS A 25 1.54 3.81 -3.53
N LYS A 26 1.79 4.38 -2.36
CA LYS A 26 0.91 4.18 -1.21
C LYS A 26 -0.55 4.62 -1.53
N ASP A 27 -0.69 5.62 -2.40
CA ASP A 27 -2.02 6.08 -2.80
C ASP A 27 -2.72 5.17 -3.83
N MET A 28 -1.97 4.35 -4.55
CA MET A 28 -2.57 3.51 -5.60
C MET A 28 -3.45 2.41 -5.00
N LYS A 29 -4.60 2.18 -5.62
CA LYS A 29 -5.51 1.08 -5.30
C LYS A 29 -4.76 -0.23 -5.18
N LYS A 30 -3.86 -0.53 -6.13
CA LYS A 30 -3.13 -1.85 -6.13
C LYS A 30 -2.33 -2.03 -4.83
N PHE A 31 -1.95 -0.93 -4.19
CA PHE A 31 -1.29 -1.01 -2.87
C PHE A 31 -2.24 -0.76 -1.69
N GLY A 32 -3.54 -0.79 -1.97
CA GLY A 32 -4.57 -0.65 -0.93
C GLY A 32 -4.95 0.79 -0.61
N GLY A 33 -4.52 1.74 -1.44
CA GLY A 33 -4.83 3.16 -1.25
C GLY A 33 -6.10 3.60 -1.99
N PRO A 34 -6.54 4.86 -1.76
CA PRO A 34 -7.79 5.41 -2.33
C PRO A 34 -7.71 5.79 -3.81
N GLY A 35 -6.50 5.97 -4.34
CA GLY A 35 -6.33 6.20 -5.77
C GLY A 35 -6.74 7.60 -6.21
N ARG A 36 -6.48 8.60 -5.36
CA ARG A 36 -6.85 10.00 -5.63
C ARG A 36 -5.75 10.86 -6.24
N MET A 37 -4.50 10.64 -5.85
CA MET A 37 -3.36 11.45 -6.37
C MET A 37 -3.08 11.14 -7.84
N LYS A 38 -3.19 9.86 -8.21
CA LYS A 38 -3.10 9.46 -9.60
C LYS A 38 -1.74 9.74 -10.23
N GLN A 39 -0.66 9.64 -9.44
CA GLN A 39 0.68 9.89 -9.97
C GLN A 39 1.40 8.59 -10.10
N SER A 40 2.44 8.58 -10.90
CA SER A 40 3.25 7.40 -11.09
C SER A 40 4.26 7.25 -9.93
N CYS A 41 4.75 6.04 -9.71
CA CYS A 41 5.80 5.78 -8.72
C CYS A 41 6.98 6.70 -8.97
N ILE A 42 7.53 7.29 -7.89
CA ILE A 42 8.66 8.24 -8.01
C ILE A 42 9.96 7.59 -8.57
N MET A 43 10.06 6.27 -8.48
CA MET A 43 11.19 5.53 -9.03
C MET A 43 11.01 5.23 -10.53
N ARG A 44 9.82 5.49 -11.06
CA ARG A 44 9.54 5.23 -12.47
C ARG A 44 9.39 6.49 -13.34
N GLN A 45 10.15 7.54 -13.04
CA GLN A 45 10.13 8.71 -13.91
CA GLN A 45 10.18 8.75 -13.90
C GLN A 45 11.03 8.45 -15.14
N CYS A 46 10.39 8.31 -16.30
CA CYS A 46 11.10 7.97 -17.52
C CYS A 46 12.26 8.92 -17.80
N ILE A 47 13.39 8.33 -18.18
CA ILE A 47 14.61 9.08 -18.46
C ILE A 47 14.55 9.83 -19.80
N ALA A 48 13.91 9.23 -20.80
CA ALA A 48 13.87 9.80 -22.17
C ALA A 48 12.51 9.56 -22.84
N PRO A 49 11.49 10.37 -22.46
CA PRO A 49 10.15 10.17 -22.97
C PRO A 49 10.07 10.48 -24.43
N VAL A 50 9.17 9.76 -25.09
CA VAL A 50 9.02 9.72 -26.54
C VAL A 50 7.72 10.36 -26.96
N LEU A 51 7.68 10.77 -28.20
CA LEU A 51 6.47 11.30 -28.77
C LEU A 51 5.33 10.27 -28.71
N PRO A 52 4.10 10.73 -28.60
CA PRO A 52 2.98 9.79 -28.64
C PRO A 52 2.83 9.09 -29.99
N HIS A 53 2.32 7.85 -29.95
CA HIS A 53 2.13 7.04 -31.17
C HIS A 53 1.31 7.73 -32.29
N THR A 54 0.52 8.74 -31.94
CA THR A 54 -0.28 9.49 -32.91
C THR A 54 0.44 10.71 -33.48
N ALA A 55 1.69 10.95 -33.09
CA ALA A 55 2.45 12.10 -33.57
C ALA A 55 2.71 11.95 -35.04
N VAL A 56 2.56 13.06 -35.76
CA VAL A 56 2.80 13.13 -37.20
C VAL A 56 3.42 14.48 -37.51
N CYS A 57 3.95 14.59 -38.71
CA CYS A 57 4.52 15.83 -39.22
C CYS A 57 3.40 16.82 -39.57
N LEU A 58 3.58 18.08 -39.14
CA LEU A 58 2.56 19.11 -39.38
CA LEU A 58 2.60 19.16 -39.36
C LEU A 58 2.43 19.52 -40.85
N VAL A 59 3.37 19.09 -41.69
CA VAL A 59 3.34 19.42 -43.11
C VAL A 59 2.64 18.30 -43.88
N CYS A 60 3.22 17.11 -43.82
CA CYS A 60 2.75 16.00 -44.63
C CYS A 60 1.81 15.07 -43.89
N GLY A 61 1.64 15.23 -42.58
CA GLY A 61 0.66 14.45 -41.86
C GLY A 61 1.03 12.98 -41.70
N GLU A 62 2.28 12.62 -42.03
CA GLU A 62 2.82 11.27 -41.82
C GLU A 62 3.69 11.14 -40.55
N ALA A 63 3.81 9.93 -40.07
CA ALA A 63 4.65 9.61 -38.91
C ALA A 63 6.10 9.51 -39.31
N GLY A 64 6.96 9.07 -38.40
CA GLY A 64 8.38 8.84 -38.70
C GLY A 64 8.54 7.73 -39.75
N LYS A 65 9.45 7.93 -40.69
CA LYS A 65 9.73 6.90 -41.68
C LYS A 65 11.21 6.63 -41.78
N GLU A 66 11.94 6.92 -40.71
CA GLU A 66 13.40 6.80 -40.72
C GLU A 66 13.88 5.37 -41.01
N ASP A 67 13.07 4.38 -40.63
CA ASP A 67 13.42 2.96 -40.86
C ASP A 67 13.43 2.56 -42.35
N THR A 68 12.65 3.28 -43.16
CA THR A 68 12.55 3.00 -44.63
C THR A 68 13.76 3.45 -45.45
N VAL A 69 14.61 4.27 -44.85
CA VAL A 69 15.75 4.86 -45.56
C VAL A 69 17.00 4.43 -44.82
N GLU A 70 18.08 4.19 -45.57
CA GLU A 70 19.34 3.74 -44.97
C GLU A 70 20.42 4.83 -44.98
N GLU A 71 20.48 5.65 -46.04
CA GLU A 71 21.41 6.80 -46.06
C GLU A 71 21.14 7.69 -44.83
N GLU A 72 22.20 8.19 -44.20
CA GLU A 72 22.05 8.84 -42.89
C GLU A 72 21.29 10.18 -42.94
N GLU A 73 21.53 10.96 -43.99
CA GLU A 73 20.86 12.24 -44.16
C GLU A 73 19.37 12.01 -44.40
N GLY A 74 19.05 11.10 -45.32
CA GLY A 74 17.68 10.73 -45.64
C GLY A 74 16.90 10.17 -44.45
N LYS A 75 17.58 9.33 -43.65
CA LYS A 75 17.00 8.79 -42.41
CA LYS A 75 17.00 8.78 -42.42
C LYS A 75 16.61 9.93 -41.46
N PHE A 76 17.58 10.80 -41.17
CA PHE A 76 17.35 11.96 -40.29
C PHE A 76 16.18 12.82 -40.77
N ASN A 77 16.09 13.03 -42.08
CA ASN A 77 15.05 13.87 -42.67
C ASN A 77 13.65 13.25 -42.68
N LEU A 78 13.54 11.95 -42.40
CA LEU A 78 12.22 11.31 -42.26
C LEU A 78 11.88 10.97 -40.82
N MET A 79 12.71 11.46 -39.89
CA MET A 79 12.40 11.42 -38.47
C MET A 79 11.49 12.54 -38.12
N LEU A 80 10.55 12.27 -37.23
CA LEU A 80 9.78 13.33 -36.56
C LEU A 80 10.69 14.03 -35.58
N MET A 81 10.67 15.36 -35.61
CA MET A 81 11.45 16.18 -34.69
C MET A 81 10.53 17.22 -34.12
N GLU A 82 10.50 17.30 -32.79
CA GLU A 82 9.74 18.32 -32.08
C GLU A 82 10.67 19.46 -31.67
N CYS A 83 10.30 20.69 -32.02
CA CYS A 83 11.07 21.84 -31.61
C CYS A 83 10.85 22.15 -30.12
N SER A 84 11.96 22.29 -29.42
CA SER A 84 11.93 22.63 -28.01
C SER A 84 11.53 24.10 -27.76
N ILE A 85 11.43 24.92 -28.83
CA ILE A 85 11.09 26.34 -28.67
C ILE A 85 9.67 26.67 -29.13
N CYS A 86 9.30 26.25 -30.35
CA CYS A 86 7.97 26.53 -30.87
C CYS A 86 7.04 25.32 -30.74
N ASN A 87 7.61 24.16 -30.38
CA ASN A 87 6.85 22.91 -30.16
C ASN A 87 6.23 22.25 -31.38
N GLU A 88 6.61 22.67 -32.59
CA GLU A 88 6.11 22.03 -33.81
C GLU A 88 6.78 20.69 -34.01
N ILE A 89 6.02 19.73 -34.50
CA ILE A 89 6.56 18.41 -34.83
C ILE A 89 6.58 18.29 -36.35
N ILE A 90 7.76 17.98 -36.93
CA ILE A 90 7.94 17.97 -38.37
CA ILE A 90 7.93 17.91 -38.39
C ILE A 90 9.05 16.97 -38.76
N HIS A 91 9.01 16.50 -40.01
CA HIS A 91 10.15 15.86 -40.63
C HIS A 91 11.07 16.99 -41.04
N PRO A 92 12.37 16.90 -40.71
CA PRO A 92 13.29 17.96 -41.22
C PRO A 92 13.30 18.09 -42.76
N GLY A 93 13.08 16.98 -43.48
CA GLY A 93 13.02 17.01 -44.95
C GLY A 93 11.77 17.71 -45.51
N CYS A 94 10.75 17.90 -44.66
CA CYS A 94 9.56 18.67 -45.05
C CYS A 94 9.69 20.15 -44.80
N LEU A 95 10.87 20.61 -44.39
CA LEU A 95 11.12 22.03 -44.23
C LEU A 95 12.31 22.44 -45.06
N LYS A 96 12.13 23.39 -45.96
CA LYS A 96 13.27 24.02 -46.66
C LYS A 96 13.42 25.50 -46.24
N ILE A 97 14.47 25.80 -45.47
CA ILE A 97 14.82 27.19 -45.08
C ILE A 97 16.25 27.48 -45.57
N LYS A 98 16.48 28.66 -46.14
CA LYS A 98 17.81 29.05 -46.62
C LYS A 98 18.72 29.42 -45.46
N GLU A 99 18.31 30.44 -44.73
CA GLU A 99 19.18 31.10 -43.75
C GLU A 99 19.38 30.36 -42.40
N SER A 100 18.79 29.17 -42.22
CA SER A 100 18.96 28.44 -40.96
C SER A 100 18.84 26.94 -41.12
N GLU A 101 19.58 26.23 -40.30
CA GLU A 101 19.39 24.79 -40.13
C GLU A 101 18.99 24.56 -38.66
N GLY A 102 18.48 23.36 -38.34
CA GLY A 102 18.05 23.04 -36.98
C GLY A 102 19.19 22.50 -36.17
N VAL A 103 19.05 22.47 -34.83
CA VAL A 103 20.09 21.90 -33.96
C VAL A 103 19.51 20.76 -33.11
N VAL A 104 19.96 19.55 -33.37
CA VAL A 104 19.47 18.37 -32.70
C VAL A 104 19.93 18.27 -31.23
N ASN A 105 19.00 17.92 -30.36
CA ASN A 105 19.30 17.63 -28.97
C ASN A 105 19.49 16.12 -28.77
N ASP A 106 20.67 15.72 -28.31
CA ASP A 106 21.01 14.31 -28.22
C ASP A 106 20.60 13.65 -26.89
N GLU A 107 20.15 14.46 -25.92
CA GLU A 107 19.70 13.93 -24.61
C GLU A 107 18.21 13.46 -24.65
N LEU A 108 17.44 14.00 -25.60
CA LEU A 108 16.06 13.60 -25.76
C LEU A 108 15.81 13.11 -27.20
N PRO A 109 15.00 12.06 -27.34
CA PRO A 109 14.64 11.57 -28.67
C PRO A 109 13.74 12.58 -29.42
N ASN A 110 13.90 12.64 -30.73
CA ASN A 110 13.03 13.45 -31.60
C ASN A 110 12.88 14.88 -31.10
N CYS A 111 14.01 15.47 -30.76
CA CYS A 111 14.06 16.77 -30.14
C CYS A 111 15.14 17.63 -30.79
N TRP A 112 14.76 18.85 -31.15
CA TRP A 112 15.70 19.82 -31.71
C TRP A 112 15.22 21.22 -31.49
N GLU A 113 16.07 22.19 -31.80
CA GLU A 113 15.59 23.55 -32.11
C GLU A 113 15.53 23.66 -33.61
N CYS A 114 14.33 23.91 -34.13
CA CYS A 114 14.09 23.85 -35.57
C CYS A 114 14.71 25.07 -36.28
N PRO A 115 14.78 25.02 -37.62
CA PRO A 115 15.40 26.14 -38.36
C PRO A 115 14.68 27.48 -38.21
N LYS A 116 13.39 27.45 -37.90
CA LYS A 116 12.60 28.69 -37.68
C LYS A 116 13.00 29.43 -36.42
N CYS A 117 13.48 28.67 -35.42
CA CYS A 117 13.76 29.22 -34.07
C CYS A 117 15.23 29.45 -33.72
N ASN A 118 16.10 28.71 -34.39
CA ASN A 118 17.52 28.77 -34.17
C ASN A 118 18.08 29.98 -34.91
N ARG B 3 -28.91 12.74 26.94
N ARG B 3 -28.46 14.18 26.81
CA ARG B 3 -27.47 13.08 27.22
CA ARG B 3 -27.52 13.09 27.19
C ARG B 3 -26.58 12.74 26.03
N ARG B 4 -25.84 13.72 25.54
CA ARG B 4 -24.94 13.53 24.37
C ARG B 4 -23.76 12.59 24.72
N ARG B 5 -23.32 11.82 23.74
CA ARG B 5 -22.23 10.87 23.92
C ARG B 5 -21.10 11.22 22.98
N THR B 6 -20.02 10.48 23.08
CA THR B 6 -18.86 10.67 22.24
C THR B 6 -18.53 9.36 21.52
N ARG B 7 -17.71 9.47 20.48
CA ARG B 7 -17.18 8.36 19.67
CA ARG B 7 -17.35 8.32 19.69
C ARG B 7 -16.47 7.34 20.50
N CYS B 8 -16.70 6.06 20.27
CA CYS B 8 -15.97 5.01 21.02
C CYS B 8 -14.48 4.95 20.59
N ARG B 9 -14.18 5.43 19.38
CA ARG B 9 -12.81 5.46 18.78
C ARG B 9 -12.17 4.08 18.56
N LYS B 10 -12.98 3.02 18.60
CA LYS B 10 -12.49 1.65 18.54
CA LYS B 10 -12.46 1.66 18.49
C LYS B 10 -13.31 0.78 17.60
N CYS B 11 -14.41 1.31 17.06
CA CYS B 11 -15.27 0.50 16.19
C CYS B 11 -14.85 0.68 14.74
N GLU B 12 -15.46 -0.11 13.86
CA GLU B 12 -15.19 -0.08 12.40
C GLU B 12 -15.38 1.32 11.86
N ALA B 13 -16.50 1.95 12.24
CA ALA B 13 -16.85 3.29 11.74
C ALA B 13 -15.88 4.36 12.22
N CYS B 14 -15.61 4.35 13.52
CA CYS B 14 -14.63 5.27 14.11
C CYS B 14 -13.29 5.12 13.47
N LEU B 15 -12.87 3.87 13.26
CA LEU B 15 -11.52 3.61 12.76
C LEU B 15 -11.40 3.83 11.22
N ARG B 16 -12.51 3.77 10.47
CA ARG B 16 -12.53 4.12 9.03
C ARG B 16 -11.86 5.47 8.77
N THR B 17 -11.16 5.58 7.65
CA THR B 17 -10.75 6.90 7.14
C THR B 17 -11.96 7.50 6.39
N GLU B 18 -11.97 8.83 6.24
CA GLU B 18 -12.97 9.55 5.42
C GLU B 18 -13.11 8.94 4.02
N CYS B 19 -14.36 8.78 3.58
CA CYS B 19 -14.67 8.08 2.32
C CYS B 19 -14.32 8.92 1.10
N GLY B 20 -14.30 10.24 1.26
CA GLY B 20 -13.94 11.15 0.18
C GLY B 20 -15.09 11.49 -0.77
N GLU B 21 -16.21 10.79 -0.67
CA GLU B 21 -17.25 10.87 -1.70
C GLU B 21 -18.57 11.44 -1.20
N CYS B 22 -18.86 11.32 0.09
CA CYS B 22 -20.15 11.78 0.61
C CYS B 22 -20.19 13.31 0.67
N HIS B 23 -21.38 13.88 0.90
CA HIS B 23 -21.51 15.35 0.87
C HIS B 23 -20.72 16.08 1.98
N PHE B 24 -20.45 15.40 3.10
CA PHE B 24 -19.66 16.00 4.17
C PHE B 24 -18.18 15.94 3.89
N CYS B 25 -17.72 14.85 3.28
CA CYS B 25 -16.34 14.72 2.90
C CYS B 25 -16.00 15.78 1.83
N LYS B 26 -16.80 15.85 0.79
CA LYS B 26 -16.58 16.85 -0.29
C LYS B 26 -16.49 18.30 0.24
N ASP B 27 -17.17 18.59 1.35
CA ASP B 27 -17.08 19.92 1.94
C ASP B 27 -15.80 20.18 2.74
N MET B 28 -15.10 19.11 3.16
CA MET B 28 -13.85 19.24 3.93
C MET B 28 -12.77 19.86 3.07
N LYS B 29 -11.89 20.65 3.70
CA LYS B 29 -10.79 21.32 2.98
C LYS B 29 -9.81 20.27 2.46
N LYS B 30 -9.67 19.13 3.15
CA LYS B 30 -8.79 18.06 2.67
C LYS B 30 -9.27 17.36 1.38
N PHE B 31 -10.52 17.58 0.99
CA PHE B 31 -11.05 17.10 -0.29
C PHE B 31 -11.44 18.23 -1.25
N GLY B 32 -11.03 19.46 -0.95
CA GLY B 32 -11.23 20.59 -1.85
C GLY B 32 -12.38 21.52 -1.50
N GLY B 33 -13.02 21.32 -0.35
CA GLY B 33 -14.21 22.08 -0.01
C GLY B 33 -13.98 23.20 0.98
N PRO B 34 -14.99 24.07 1.16
CA PRO B 34 -14.88 25.26 2.01
C PRO B 34 -14.72 24.97 3.52
N GLY B 35 -15.06 23.76 3.95
CA GLY B 35 -15.03 23.42 5.36
C GLY B 35 -16.15 24.08 6.13
N ARG B 36 -17.22 24.46 5.43
CA ARG B 36 -18.32 25.23 6.03
C ARG B 36 -19.19 24.36 6.96
N MET B 37 -19.49 23.14 6.53
CA MET B 37 -20.46 22.29 7.24
C MET B 37 -19.96 21.73 8.55
N LYS B 38 -18.65 21.50 8.66
CA LYS B 38 -18.03 20.93 9.89
C LYS B 38 -18.80 19.67 10.39
N GLN B 39 -18.98 18.72 9.48
CA GLN B 39 -19.65 17.44 9.75
C GLN B 39 -18.69 16.31 9.38
N SER B 40 -18.70 15.21 10.15
CA SER B 40 -17.82 14.09 9.84
C SER B 40 -18.45 13.19 8.76
N CYS B 41 -17.62 12.33 8.21
CA CYS B 41 -18.00 11.45 7.13
C CYS B 41 -19.20 10.59 7.51
N ILE B 42 -20.18 10.46 6.59
CA ILE B 42 -21.37 9.58 6.82
C ILE B 42 -20.98 8.12 7.15
N MET B 43 -19.83 7.67 6.65
CA MET B 43 -19.38 6.27 6.90
C MET B 43 -18.71 6.08 8.26
N ARG B 44 -18.57 7.18 9.04
CA ARG B 44 -17.92 7.11 10.34
C ARG B 44 -18.87 7.42 11.53
N GLN B 45 -20.15 7.12 11.39
CA GLN B 45 -21.07 7.30 12.51
CA GLN B 45 -21.09 7.28 12.50
C GLN B 45 -20.82 6.15 13.48
N CYS B 46 -20.33 6.49 14.68
CA CYS B 46 -19.99 5.48 15.69
C CYS B 46 -21.17 4.55 15.95
N ILE B 47 -20.92 3.25 15.99
CA ILE B 47 -21.98 2.25 16.17
C ILE B 47 -22.34 1.99 17.65
N ALA B 48 -21.51 2.50 18.56
CA ALA B 48 -21.73 2.29 20.00
C ALA B 48 -21.06 3.44 20.81
N PRO B 49 -21.63 4.63 20.70
CA PRO B 49 -20.99 5.79 21.36
C PRO B 49 -20.96 5.65 22.87
N VAL B 50 -20.04 6.34 23.51
CA VAL B 50 -19.77 6.15 24.93
C VAL B 50 -20.02 7.39 25.71
N LEU B 51 -20.19 7.23 27.02
CA LEU B 51 -20.38 8.38 27.89
C LEU B 51 -19.14 9.25 27.81
N PRO B 52 -19.30 10.58 27.95
CA PRO B 52 -18.13 11.47 27.94
C PRO B 52 -17.18 11.15 29.09
N HIS B 53 -15.90 11.52 28.90
CA HIS B 53 -14.85 11.19 29.86
C HIS B 53 -15.11 11.82 31.22
N THR B 54 -15.91 12.89 31.27
CA THR B 54 -16.27 13.59 32.52
C THR B 54 -17.50 13.05 33.24
N ALA B 55 -18.12 11.99 32.72
CA ALA B 55 -19.33 11.44 33.32
C ALA B 55 -19.05 10.89 34.72
N VAL B 56 -19.97 11.17 35.66
CA VAL B 56 -19.87 10.67 37.04
C VAL B 56 -21.23 10.18 37.51
N CYS B 57 -21.21 9.36 38.55
CA CYS B 57 -22.43 8.89 39.19
C CYS B 57 -23.10 10.05 39.90
N LEU B 58 -24.41 10.15 39.73
CA LEU B 58 -25.18 11.26 40.26
C LEU B 58 -25.20 11.27 41.80
N VAL B 59 -25.06 10.09 42.42
CA VAL B 59 -25.15 9.96 43.89
C VAL B 59 -23.82 10.23 44.57
N CYS B 60 -22.77 9.51 44.16
CA CYS B 60 -21.47 9.63 44.84
C CYS B 60 -20.49 10.57 44.14
N GLY B 61 -20.72 10.90 42.87
CA GLY B 61 -19.89 11.88 42.17
C GLY B 61 -18.59 11.30 41.63
N GLU B 62 -18.48 9.97 41.63
CA GLU B 62 -17.29 9.32 41.11
C GLU B 62 -17.60 8.66 39.77
N ALA B 63 -16.54 8.46 38.98
CA ALA B 63 -16.64 7.81 37.66
C ALA B 63 -16.76 6.29 37.81
N GLY B 64 -16.76 5.57 36.68
CA GLY B 64 -16.76 4.11 36.71
C GLY B 64 -15.64 3.54 37.58
N LYS B 65 -15.93 2.50 38.35
CA LYS B 65 -14.89 1.89 39.18
C LYS B 65 -14.87 0.37 39.01
N GLU B 66 -15.38 -0.13 37.88
CA GLU B 66 -15.48 -1.58 37.67
C GLU B 66 -14.12 -2.31 37.70
N ASP B 67 -13.04 -1.62 37.31
CA ASP B 67 -11.69 -2.23 37.31
C ASP B 67 -11.08 -2.41 38.70
N THR B 68 -11.72 -1.84 39.72
CA THR B 68 -11.23 -1.94 41.10
C THR B 68 -11.84 -3.12 41.90
N VAL B 69 -13.05 -3.55 41.57
CA VAL B 69 -13.65 -4.75 42.19
C VAL B 69 -13.29 -5.97 41.35
N GLU B 70 -13.23 -7.13 41.99
CA GLU B 70 -12.93 -8.41 41.29
C GLU B 70 -14.20 -9.21 40.91
N GLU B 71 -15.22 -9.19 41.79
CA GLU B 71 -16.44 -10.01 41.60
C GLU B 71 -17.44 -9.37 40.63
N GLU B 72 -18.03 -10.20 39.75
CA GLU B 72 -18.90 -9.74 38.64
C GLU B 72 -20.07 -8.85 39.08
N GLU B 73 -20.73 -9.22 40.17
CA GLU B 73 -21.82 -8.41 40.74
C GLU B 73 -21.23 -7.06 41.25
N GLY B 74 -20.07 -7.15 41.93
CA GLY B 74 -19.36 -5.97 42.43
C GLY B 74 -18.95 -5.00 41.33
N LYS B 75 -18.50 -5.55 40.21
CA LYS B 75 -18.09 -4.73 39.07
C LYS B 75 -19.28 -4.06 38.43
N PHE B 76 -20.34 -4.83 38.19
CA PHE B 76 -21.56 -4.28 37.59
C PHE B 76 -22.06 -3.11 38.40
N ASN B 77 -22.06 -3.27 39.73
CA ASN B 77 -22.64 -2.26 40.60
C ASN B 77 -21.77 -1.01 40.75
N LEU B 78 -20.52 -1.08 40.30
CA LEU B 78 -19.63 0.10 40.24
C LEU B 78 -19.38 0.66 38.83
N MET B 79 -20.18 0.22 37.87
CA MET B 79 -20.18 0.82 36.54
C MET B 79 -21.08 2.03 36.48
N LEU B 80 -20.72 3.01 35.63
CA LEU B 80 -21.68 4.05 35.24
C LEU B 80 -22.74 3.47 34.29
N MET B 81 -24.02 3.79 34.58
CA MET B 81 -25.18 3.33 33.79
C MET B 81 -26.12 4.50 33.55
N GLU B 82 -26.33 4.82 32.28
CA GLU B 82 -27.21 5.89 31.88
C GLU B 82 -28.59 5.28 31.61
N CYS B 83 -29.62 5.85 32.24
CA CYS B 83 -30.99 5.41 31.99
C CYS B 83 -31.48 5.97 30.65
N SER B 84 -32.06 5.10 29.83
CA SER B 84 -32.59 5.49 28.53
C SER B 84 -33.92 6.24 28.61
N ILE B 85 -34.50 6.29 29.81
CA ILE B 85 -35.79 6.89 30.01
C ILE B 85 -35.59 8.22 30.69
N CYS B 86 -34.97 8.24 31.88
CA CYS B 86 -34.84 9.47 32.67
C CYS B 86 -33.51 10.17 32.46
N ASN B 87 -32.55 9.45 31.89
CA ASN B 87 -31.24 9.99 31.47
C ASN B 87 -30.26 10.17 32.61
N GLU B 88 -30.58 9.65 33.79
CA GLU B 88 -29.67 9.77 34.92
C GLU B 88 -28.50 8.83 34.72
N ILE B 89 -27.32 9.30 35.13
CA ILE B 89 -26.12 8.48 35.18
C ILE B 89 -25.79 8.16 36.64
N ILE B 90 -25.65 6.86 36.94
CA ILE B 90 -25.52 6.38 38.34
C ILE B 90 -24.77 5.05 38.35
N HIS B 91 -24.08 4.77 39.45
CA HIS B 91 -23.66 3.42 39.77
C HIS B 91 -24.90 2.63 40.22
N PRO B 92 -25.14 1.43 39.63
CA PRO B 92 -26.30 0.68 40.14
C PRO B 92 -26.26 0.43 41.64
N GLY B 93 -25.07 0.27 42.22
CA GLY B 93 -24.93 0.00 43.63
C GLY B 93 -25.22 1.22 44.48
N CYS B 94 -25.21 2.40 43.85
CA CYS B 94 -25.53 3.65 44.57
C CYS B 94 -27.02 3.95 44.67
N LEU B 95 -27.85 3.05 44.15
CA LEU B 95 -29.28 3.15 44.25
C LEU B 95 -29.80 1.85 44.88
N LYS B 96 -30.60 1.97 45.93
CA LYS B 96 -31.29 0.77 46.49
C LYS B 96 -32.82 0.94 46.40
N ILE B 97 -33.46 0.15 45.52
CA ILE B 97 -34.93 0.08 45.39
C ILE B 97 -35.37 -1.37 45.76
N LYS B 98 -36.31 -1.49 46.69
CA LYS B 98 -36.72 -2.82 47.21
C LYS B 98 -37.45 -3.66 46.16
N SER B 100 -37.47 -3.67 43.05
CA SER B 100 -37.38 -3.07 41.71
C SER B 100 -35.92 -3.02 41.24
N GLU B 101 -35.70 -3.41 40.00
CA GLU B 101 -34.34 -3.59 39.50
C GLU B 101 -34.23 -3.09 38.07
N GLY B 102 -33.02 -2.69 37.66
CA GLY B 102 -32.82 -2.11 36.33
C GLY B 102 -32.73 -3.18 35.29
N VAL B 103 -32.97 -2.80 34.03
CA VAL B 103 -32.86 -3.72 32.87
C VAL B 103 -31.73 -3.23 31.96
N VAL B 104 -30.62 -3.95 31.95
CA VAL B 104 -29.46 -3.55 31.17
C VAL B 104 -29.73 -3.73 29.69
N ASN B 105 -29.37 -2.72 28.90
CA ASN B 105 -29.44 -2.81 27.44
C ASN B 105 -28.12 -3.39 26.90
N ASP B 106 -28.21 -4.53 26.24
CA ASP B 106 -27.01 -5.23 25.74
C ASP B 106 -26.38 -4.64 24.46
N GLU B 107 -27.12 -3.79 23.72
CA GLU B 107 -26.63 -3.24 22.43
C GLU B 107 -25.67 -2.01 22.58
N LEU B 108 -25.76 -1.29 23.70
CA LEU B 108 -25.05 -0.04 23.89
C LEU B 108 -24.33 -0.02 25.27
N PRO B 109 -23.12 0.54 25.32
CA PRO B 109 -22.40 0.49 26.58
C PRO B 109 -23.01 1.38 27.62
N ASN B 110 -22.94 0.96 28.89
CA ASN B 110 -23.38 1.81 30.00
C ASN B 110 -24.79 2.35 29.80
N CYS B 111 -25.69 1.48 29.38
CA CYS B 111 -27.07 1.87 29.10
C CYS B 111 -28.03 0.92 29.77
N TRP B 112 -29.03 1.46 30.45
CA TRP B 112 -30.12 0.63 31.00
C TRP B 112 -31.42 1.41 31.17
N GLU B 113 -32.48 0.67 31.52
CA GLU B 113 -33.67 1.26 32.11
C GLU B 113 -33.54 1.08 33.57
N CYS B 114 -33.45 2.20 34.28
CA CYS B 114 -33.11 2.18 35.68
C CYS B 114 -34.29 1.74 36.52
N PRO B 115 -34.04 1.37 37.76
CA PRO B 115 -35.14 0.84 38.61
C PRO B 115 -36.24 1.87 38.93
N LYS B 116 -35.93 3.17 38.80
CA LYS B 116 -36.94 4.22 38.96
C LYS B 116 -37.91 4.24 37.78
N CYS B 117 -37.43 3.83 36.62
CA CYS B 117 -38.20 3.91 35.38
C CYS B 117 -38.74 2.58 34.86
N ASN B 118 -38.26 1.49 35.41
CA ASN B 118 -38.59 0.18 34.90
C ASN B 118 -39.92 -0.33 35.48
CA ARG C 3 10.91 -24.91 8.51
C ARG C 3 10.10 -23.71 7.96
N ARG C 4 9.41 -22.98 8.84
CA ARG C 4 8.53 -21.87 8.41
C ARG C 4 9.34 -20.68 7.84
N ARG C 5 8.76 -19.97 6.89
CA ARG C 5 9.42 -18.83 6.25
C ARG C 5 8.74 -17.51 6.64
N THR C 6 9.30 -16.40 6.19
CA THR C 6 8.70 -15.08 6.43
C THR C 6 8.38 -14.42 5.06
N ARG C 7 7.58 -13.37 5.11
CA ARG C 7 7.24 -12.50 3.98
CA ARG C 7 7.21 -12.72 3.89
C ARG C 7 8.45 -12.02 3.28
N CYS C 8 8.43 -11.97 1.95
CA CYS C 8 9.55 -11.41 1.21
C CYS C 8 9.63 -9.89 1.38
N ARG C 9 8.52 -9.25 1.70
CA ARG C 9 8.41 -7.78 1.81
C ARG C 9 8.62 -6.99 0.51
N LYS C 10 8.75 -7.69 -0.62
CA LYS C 10 9.05 -7.03 -1.88
C LYS C 10 8.00 -7.22 -2.98
N CYS C 11 7.04 -8.12 -2.76
CA CYS C 11 6.06 -8.39 -3.80
C CYS C 11 4.87 -7.49 -3.53
N GLU C 12 3.98 -7.39 -4.51
CA GLU C 12 2.80 -6.53 -4.36
C GLU C 12 1.92 -6.94 -3.16
N ALA C 13 1.79 -8.25 -2.93
CA ALA C 13 1.01 -8.76 -1.77
C ALA C 13 1.58 -8.30 -0.44
N CYS C 14 2.90 -8.34 -0.34
CA CYS C 14 3.60 -7.88 0.86
C CYS C 14 3.51 -6.33 0.99
N LEU C 15 3.70 -5.62 -0.11
CA LEU C 15 3.79 -4.16 -0.09
C LEU C 15 2.46 -3.48 0.18
N ARG C 16 1.37 -4.05 -0.34
CA ARG C 16 0.07 -3.45 -0.16
C ARG C 16 -0.39 -3.52 1.28
N THR C 17 -1.23 -2.55 1.65
CA THR C 17 -1.85 -2.55 2.94
C THR C 17 -3.12 -3.43 3.00
N GLU C 18 -3.64 -3.62 4.22
CA GLU C 18 -4.79 -4.50 4.43
C GLU C 18 -5.99 -4.01 3.66
N CYS C 19 -6.74 -4.94 3.04
CA CYS C 19 -7.87 -4.59 2.19
C CYS C 19 -8.98 -4.03 3.04
N GLY C 20 -9.11 -4.52 4.28
CA GLY C 20 -10.10 -4.03 5.23
C GLY C 20 -11.51 -4.63 5.05
N GLU C 21 -11.67 -5.58 4.12
CA GLU C 21 -13.00 -6.14 3.79
C GLU C 21 -13.11 -7.67 3.97
N CYS C 22 -11.99 -8.37 3.98
CA CYS C 22 -12.01 -9.82 4.06
C CYS C 22 -12.28 -10.26 5.52
N HIS C 23 -12.65 -11.54 5.71
CA HIS C 23 -13.05 -11.99 7.05
C HIS C 23 -11.91 -11.83 8.07
N PHE C 24 -10.66 -11.88 7.61
CA PHE C 24 -9.52 -11.68 8.48
C PHE C 24 -9.29 -10.20 8.82
N CYS C 25 -9.43 -9.31 7.84
CA CYS C 25 -9.32 -7.89 8.10
C CYS C 25 -10.41 -7.40 9.08
N LYS C 26 -11.64 -7.85 8.88
CA LYS C 26 -12.77 -7.45 9.76
C LYS C 26 -12.56 -7.89 11.19
N ASP C 27 -11.85 -8.99 11.37
CA ASP C 27 -11.56 -9.48 12.70
C ASP C 27 -10.47 -8.65 13.42
N MET C 28 -9.65 -7.91 12.67
CA MET C 28 -8.55 -7.14 13.25
C MET C 28 -9.08 -5.98 14.07
N LYS C 29 -8.42 -5.72 15.19
CA LYS C 29 -8.71 -4.54 16.01
C LYS C 29 -8.60 -3.27 15.19
N LYS C 30 -7.61 -3.18 14.31
CA LYS C 30 -7.46 -1.96 13.53
C LYS C 30 -8.67 -1.69 12.60
N PHE C 31 -9.53 -2.70 12.33
CA PHE C 31 -10.79 -2.48 11.60
C PHE C 31 -12.04 -2.65 12.50
N GLY C 32 -11.85 -2.62 13.81
CA GLY C 32 -12.97 -2.63 14.73
C GLY C 32 -13.42 -4.00 15.19
N GLY C 33 -12.73 -5.07 14.80
CA GLY C 33 -13.11 -6.44 15.23
C GLY C 33 -12.41 -6.84 16.51
N PRO C 34 -12.67 -8.07 16.99
CA PRO C 34 -12.18 -8.48 18.32
C PRO C 34 -10.71 -8.95 18.35
N GLY C 35 -10.11 -9.16 17.19
CA GLY C 35 -8.71 -9.60 17.12
C GLY C 35 -8.48 -11.01 17.60
N ARG C 36 -9.41 -11.92 17.29
CA ARG C 36 -9.33 -13.31 17.74
C ARG C 36 -8.67 -14.29 16.72
N MET C 37 -8.95 -14.09 15.44
CA MET C 37 -8.38 -14.95 14.38
C MET C 37 -6.84 -14.81 14.21
N LYS C 38 -6.31 -13.60 14.38
CA LYS C 38 -4.86 -13.36 14.21
C LYS C 38 -4.30 -13.84 12.86
N GLN C 39 -5.07 -13.72 11.78
CA GLN C 39 -4.55 -14.06 10.44
C GLN C 39 -4.40 -12.81 9.59
N SER C 40 -3.49 -12.84 8.63
CA SER C 40 -3.27 -11.69 7.76
C SER C 40 -4.34 -11.60 6.72
N CYS C 41 -4.46 -10.40 6.14
CA CYS C 41 -5.36 -10.13 5.06
C CYS C 41 -5.17 -11.17 3.94
N ILE C 42 -6.28 -11.69 3.41
CA ILE C 42 -6.20 -12.64 2.30
C ILE C 42 -5.56 -12.01 1.04
N MET C 43 -5.54 -10.67 0.93
CA MET C 43 -4.88 -10.02 -0.20
C MET C 43 -3.35 -9.92 0.00
N ARG C 44 -2.86 -10.32 1.17
CA ARG C 44 -1.43 -10.17 1.48
C ARG C 44 -0.71 -11.50 1.66
N GLN C 45 -1.11 -12.53 0.91
CA GLN C 45 -0.38 -13.79 0.96
CA GLN C 45 -0.40 -13.82 0.91
C GLN C 45 0.85 -13.67 0.06
N CYS C 46 2.02 -13.75 0.68
CA CYS C 46 3.26 -13.57 -0.05
C CYS C 46 3.40 -14.61 -1.13
N ILE C 47 3.82 -14.15 -2.32
CA ILE C 47 3.94 -15.00 -3.47
C ILE C 47 5.20 -15.91 -3.43
N ALA C 48 6.24 -15.47 -2.73
CA ALA C 48 7.54 -16.20 -2.69
C ALA C 48 8.24 -15.94 -1.37
N PRO C 49 7.81 -16.61 -0.29
CA PRO C 49 8.40 -16.27 1.02
C PRO C 49 9.86 -16.70 1.12
N VAL C 50 10.57 -16.08 2.06
CA VAL C 50 11.99 -16.22 2.17
C VAL C 50 12.39 -16.78 3.52
N LEU C 51 13.60 -17.31 3.58
CA LEU C 51 14.19 -17.72 4.82
C LEU C 51 14.17 -16.54 5.82
N PRO C 52 13.98 -16.81 7.12
CA PRO C 52 14.08 -15.75 8.12
C PRO C 52 15.50 -15.20 8.22
N HIS C 53 15.63 -13.97 8.69
CA HIS C 53 16.94 -13.26 8.76
C HIS C 53 17.97 -13.95 9.63
N THR C 54 17.53 -14.84 10.53
CA THR C 54 18.43 -15.59 11.39
C THR C 54 18.84 -16.92 10.83
N ALA C 55 18.46 -17.25 9.58
CA ALA C 55 18.85 -18.53 8.98
C ALA C 55 20.37 -18.58 8.77
N VAL C 56 20.94 -19.75 9.01
CA VAL C 56 22.37 -19.99 8.81
C VAL C 56 22.61 -21.38 8.26
N CYS C 57 23.81 -21.57 7.74
CA CYS C 57 24.25 -22.86 7.27
C CYS C 57 24.39 -23.84 8.41
N LEU C 58 23.84 -25.03 8.20
CA LEU C 58 23.89 -26.09 9.19
C LEU C 58 25.33 -26.43 9.59
N VAL C 59 26.23 -26.40 8.61
CA VAL C 59 27.60 -26.88 8.77
C VAL C 59 28.49 -25.86 9.44
N CYS C 60 28.60 -24.68 8.86
CA CYS C 60 29.54 -23.66 9.35
C CYS C 60 28.91 -22.66 10.31
N GLY C 61 27.58 -22.58 10.34
CA GLY C 61 26.90 -21.71 11.27
C GLY C 61 26.80 -20.27 10.81
N GLU C 62 27.03 -20.03 9.52
CA GLU C 62 27.02 -18.66 8.96
C GLU C 62 25.91 -18.45 7.93
N ALA C 63 25.59 -17.19 7.72
CA ALA C 63 24.55 -16.76 6.81
C ALA C 63 25.04 -16.80 5.38
N GLY C 64 24.17 -16.42 4.45
CA GLY C 64 24.52 -16.36 3.03
C GLY C 64 25.56 -15.30 2.73
N LYS C 65 26.52 -15.62 1.84
CA LYS C 65 27.67 -14.74 1.55
C LYS C 65 27.88 -14.51 0.04
N GLU C 66 26.83 -14.75 -0.75
CA GLU C 66 26.94 -14.72 -2.22
C GLU C 66 27.41 -13.34 -2.79
N ASP C 67 26.99 -12.25 -2.15
CA ASP C 67 27.38 -10.90 -2.62
C ASP C 67 28.87 -10.60 -2.40
N THR C 68 29.55 -11.43 -1.60
CA THR C 68 31.00 -11.26 -1.33
C THR C 68 31.93 -12.03 -2.31
N VAL C 69 31.41 -13.00 -3.05
CA VAL C 69 32.19 -13.73 -4.05
C VAL C 69 31.91 -13.14 -5.44
N GLU C 70 32.90 -13.16 -6.32
CA GLU C 70 32.77 -12.60 -7.66
C GLU C 70 32.16 -13.59 -8.66
N GLU C 71 32.77 -14.76 -8.80
CA GLU C 71 32.39 -15.72 -9.83
C GLU C 71 30.99 -16.36 -9.62
N GLU C 72 30.29 -16.52 -10.73
CA GLU C 72 29.02 -17.23 -10.83
C GLU C 72 28.90 -18.47 -9.90
N GLU C 73 29.86 -19.37 -10.06
CA GLU C 73 29.89 -20.62 -9.33
C GLU C 73 30.15 -20.36 -7.85
N GLY C 74 31.06 -19.40 -7.58
CA GLY C 74 31.42 -19.00 -6.22
C GLY C 74 30.24 -18.49 -5.40
N LYS C 75 29.37 -17.72 -6.06
CA LYS C 75 28.21 -17.12 -5.41
C LYS C 75 27.23 -18.20 -4.98
N PHE C 76 26.92 -19.12 -5.89
CA PHE C 76 25.95 -20.15 -5.59
C PHE C 76 26.36 -21.01 -4.38
N ASN C 77 27.65 -21.34 -4.28
CA ASN C 77 28.15 -22.19 -3.20
C ASN C 77 28.14 -21.52 -1.83
N LEU C 78 28.01 -20.19 -1.80
CA LEU C 78 27.87 -19.44 -0.55
C LEU C 78 26.44 -18.88 -0.31
N MET C 79 25.46 -19.30 -1.12
CA MET C 79 24.05 -19.01 -0.83
C MET C 79 23.55 -20.00 0.22
N LEU C 80 22.56 -19.61 0.98
CA LEU C 80 21.81 -20.57 1.78
C LEU C 80 20.83 -21.22 0.87
N MET C 81 20.71 -22.54 1.01
CA MET C 81 19.74 -23.34 0.27
C MET C 81 19.03 -24.27 1.22
N GLU C 82 17.71 -24.20 1.21
CA GLU C 82 16.87 -25.05 2.05
C GLU C 82 16.35 -26.20 1.22
N CYS C 83 16.52 -27.41 1.73
CA CYS C 83 16.05 -28.59 1.02
C CYS C 83 14.56 -28.73 1.18
N SER C 84 13.87 -28.93 0.06
CA SER C 84 12.41 -29.17 0.07
C SER C 84 12.04 -30.54 0.62
N ILE C 85 12.99 -31.47 0.72
CA ILE C 85 12.72 -32.83 1.22
CA ILE C 85 12.72 -32.82 1.21
C ILE C 85 13.11 -32.95 2.69
N CYS C 86 14.38 -32.66 3.04
CA CYS C 86 14.83 -32.85 4.43
C CYS C 86 14.82 -31.58 5.26
N ASN C 87 14.60 -30.44 4.60
CA ASN C 87 14.54 -29.13 5.31
C ASN C 87 15.82 -28.63 5.94
N GLU C 88 16.94 -29.28 5.68
CA GLU C 88 18.24 -28.71 6.11
C GLU C 88 18.54 -27.46 5.30
N ILE C 89 19.10 -26.46 5.97
CA ILE C 89 19.57 -25.23 5.34
C ILE C 89 21.10 -25.28 5.36
N ILE C 90 21.71 -25.09 4.20
CA ILE C 90 23.11 -25.35 4.02
CA ILE C 90 23.12 -25.34 4.02
C ILE C 90 23.68 -24.45 2.89
N HIS C 91 24.95 -24.06 3.01
CA HIS C 91 25.70 -23.54 1.85
C HIS C 91 26.01 -24.75 0.97
N PRO C 92 25.67 -24.69 -0.32
CA PRO C 92 26.07 -25.82 -1.18
C PRO C 92 27.61 -26.14 -1.15
N GLY C 93 28.45 -25.14 -0.89
CA GLY C 93 29.91 -25.36 -0.85
C GLY C 93 30.39 -26.01 0.45
N CYS C 94 29.50 -26.10 1.45
CA CYS C 94 29.82 -26.72 2.72
C CYS C 94 29.49 -28.20 2.77
N LEU C 95 29.09 -28.76 1.64
CA LEU C 95 28.74 -30.16 1.57
C LEU C 95 29.45 -30.72 0.36
N LYS C 96 30.37 -31.66 0.58
CA LYS C 96 31.02 -32.38 -0.53
C LYS C 96 30.53 -33.81 -0.56
N ILE C 97 29.36 -34.03 -1.16
CA ILE C 97 28.78 -35.37 -1.35
C ILE C 97 29.39 -36.05 -2.60
N LYS C 98 29.65 -37.36 -2.51
CA LYS C 98 30.28 -38.13 -3.60
C LYS C 98 29.33 -38.25 -4.82
N GLU C 99 29.67 -37.53 -5.90
CA GLU C 99 28.99 -37.62 -7.20
C GLU C 99 27.48 -37.33 -7.14
N SER C 100 27.04 -36.52 -6.20
CA SER C 100 25.64 -36.15 -6.10
C SER C 100 25.54 -34.65 -5.99
N GLU C 101 24.89 -34.04 -6.97
CA GLU C 101 24.57 -32.64 -6.87
C GLU C 101 23.08 -32.45 -6.57
N GLY C 102 22.73 -31.24 -6.17
CA GLY C 102 21.37 -30.89 -5.84
C GLY C 102 20.70 -30.25 -7.03
N VAL C 103 19.38 -30.08 -6.93
CA VAL C 103 18.62 -29.56 -8.03
C VAL C 103 17.86 -28.34 -7.52
N VAL C 104 18.16 -27.18 -8.10
CA VAL C 104 17.64 -25.91 -7.65
C VAL C 104 16.25 -25.71 -8.18
N ASN C 105 15.32 -25.39 -7.30
CA ASN C 105 14.00 -24.97 -7.69
C ASN C 105 14.03 -23.47 -7.90
N ASP C 106 13.91 -23.05 -9.15
CA ASP C 106 14.09 -21.65 -9.50
C ASP C 106 12.85 -20.82 -9.25
N GLU C 107 11.70 -21.48 -9.01
CA GLU C 107 10.44 -20.78 -8.72
C GLU C 107 10.26 -20.41 -7.21
N LEU C 108 11.28 -20.67 -6.38
CA LEU C 108 11.26 -20.22 -4.98
C LEU C 108 12.68 -19.89 -4.53
N PRO C 109 12.85 -18.84 -3.69
CA PRO C 109 14.17 -18.41 -3.30
C PRO C 109 14.85 -19.41 -2.40
N ASN C 110 16.18 -19.57 -2.57
CA ASN C 110 16.96 -20.39 -1.64
C ASN C 110 16.33 -21.75 -1.39
N CYS C 111 15.96 -22.42 -2.48
CA CYS C 111 15.23 -23.67 -2.41
C CYS C 111 15.77 -24.68 -3.40
N TRP C 112 16.00 -25.92 -2.93
CA TRP C 112 16.47 -27.04 -3.79
C TRP C 112 16.15 -28.41 -3.23
N GLU C 113 16.39 -29.45 -4.02
CA GLU C 113 16.55 -30.80 -3.46
C GLU C 113 18.03 -31.03 -3.27
N CYS C 114 18.45 -31.21 -2.04
CA CYS C 114 19.86 -31.27 -1.74
C CYS C 114 20.45 -32.59 -2.21
N PRO C 115 21.79 -32.68 -2.25
CA PRO C 115 22.47 -33.86 -2.72
C PRO C 115 22.24 -35.11 -1.88
N LYS C 116 21.89 -34.93 -0.61
CA LYS C 116 21.58 -36.09 0.25
C LYS C 116 20.23 -36.70 -0.15
N CYS C 117 19.33 -35.88 -0.70
CA CYS C 117 17.96 -36.29 -0.98
C CYS C 117 17.66 -36.55 -2.45
N ASN C 118 18.36 -35.87 -3.35
CA ASN C 118 18.05 -35.97 -4.78
C ASN C 118 18.41 -37.34 -5.36
ZN ZN D . 11.67 5.28 -20.05
ZN ZN E . 6.78 4.06 -5.62
ZN ZN F . 6.63 15.50 -43.29
ZN ZN G . 10.86 25.95 -33.71
UNK UNX H . 11.49 18.83 -27.82
UNK UNX I . 16.85 14.50 -30.65
UNK UNX J . -3.01 6.98 -6.94
UNK UNX K . -3.77 1.04 -8.78
UNK UNX L . -4.89 3.31 -8.30
UNK UNX M . 17.94 12.78 -32.25
ZN ZN N . -17.12 3.94 17.49
ZN ZN O . -17.44 10.54 3.57
ZN ZN P . -22.03 6.07 42.78
ZN ZN Q . -34.47 6.08 34.85
UNK UNX R . -18.31 2.32 8.15
UNK UNX S . -10.20 7.39 10.99
UNK UNX T . -22.40 13.70 40.86
UNK UNX U . -18.10 14.54 40.90
ZN ZN V . 6.06 -11.16 -0.64
ZN ZN W . -8.21 -8.09 3.88
ZN ZN X . 28.35 -23.21 5.31
ZN ZN Y . 17.80 -32.82 1.65
UNK UNX Z . -4.30 -7.08 -4.20
UNK UNX AA . 12.81 -25.52 0.27
UNK UNX BA . 9.27 -11.75 -4.26
UNK UNX CA . 25.83 -19.59 13.78
#